data_2JEM
#
_entry.id   2JEM
#
_cell.length_a   48.748
_cell.length_b   78.133
_cell.length_c   69.103
_cell.angle_alpha   90.00
_cell.angle_beta   109.80
_cell.angle_gamma   90.00
#
_symmetry.space_group_name_H-M   'P 1 21 1'
#
loop_
_entity.id
_entity.type
_entity.pdbx_description
1 polymer ENDO-BETA-1,4-GLUCANASE
2 water water
#
_entity_poly.entity_id   1
_entity_poly.type   'polypeptide(L)'
_entity_poly.pdbx_seq_one_letter_code
;MKNNHLLKSILLWGAVCIIVLAGPLSAFAASSSNPSDKLYFKNKKYYIFNNVWGADQVSGWWQTIYHNSDSDMGWVWNWP
SNTSTVKAYPSIVSGWHWTEGYTAGSGFPTRLSDQKNINTKVSYSISANGTYNAAYDIWLHNTNKASWDSAPTDQIMIWL
NNTNAGPAGSYVETVSIGGHSWKVYKGYIDAGGGKGWNVFSFIRTANTQSANLNIRDFTNYLADSKQWLSKTKYVSSVEF
GTEVFGGTGQINISNWDVTVR
;
_entity_poly.pdbx_strand_id   A,B
#
# COMPACT_ATOMS: atom_id res chain seq x y z
N ALA A 30 12.24 -3.96 10.98
CA ALA A 30 12.58 -2.50 10.99
C ALA A 30 11.88 -1.78 9.85
N SER A 31 11.58 -0.50 10.04
CA SER A 31 11.08 0.37 8.96
C SER A 31 11.49 1.85 9.13
N SER A 32 11.60 2.56 8.01
CA SER A 32 12.02 3.97 7.99
C SER A 32 11.32 4.76 6.89
N SER A 33 11.14 6.07 7.10
CA SER A 33 10.24 6.89 6.27
C SER A 33 10.80 8.20 5.68
N ASN A 34 12.02 8.58 6.02
CA ASN A 34 12.62 9.78 5.46
C ASN A 34 13.28 9.55 4.11
N PRO A 35 13.41 10.62 3.29
CA PRO A 35 14.18 10.40 2.07
C PRO A 35 15.58 9.98 2.51
N SER A 36 16.21 9.10 1.75
CA SER A 36 17.59 8.71 1.98
C SER A 36 17.83 7.74 3.12
N ASP A 37 16.80 7.40 3.90
CA ASP A 37 16.96 6.37 4.93
C ASP A 37 17.37 5.04 4.28
N LYS A 38 18.22 4.31 5.01
CA LYS A 38 18.71 3.00 4.59
C LYS A 38 18.46 1.99 5.68
N LEU A 39 18.11 0.78 5.29
CA LEU A 39 18.01 -0.35 6.22
C LEU A 39 18.96 -1.43 5.75
N TYR A 40 20.02 -1.69 6.52
CA TYR A 40 20.99 -2.72 6.16
C TYR A 40 20.48 -4.08 6.55
N PHE A 41 20.81 -5.07 5.74
CA PHE A 41 20.60 -6.46 6.14
C PHE A 41 21.72 -7.34 5.59
N LYS A 42 21.70 -8.60 6.01
CA LYS A 42 22.64 -9.63 5.57
C LYS A 42 24.09 -9.20 5.84
N ASN A 43 24.36 -8.88 7.12
CA ASN A 43 25.70 -8.45 7.54
CA ASN A 43 25.68 -8.41 7.56
C ASN A 43 26.20 -7.23 6.73
N LYS A 44 25.28 -6.30 6.46
CA LYS A 44 25.54 -5.09 5.69
C LYS A 44 25.95 -5.32 4.23
N LYS A 45 25.71 -6.52 3.69
CA LYS A 45 25.98 -6.78 2.25
C LYS A 45 24.99 -5.98 1.41
N TYR A 46 23.76 -5.83 1.91
CA TYR A 46 22.72 -5.09 1.19
C TYR A 46 22.11 -4.00 2.07
N TYR A 47 21.48 -3.01 1.43
CA TYR A 47 20.53 -2.17 2.16
C TYR A 47 19.33 -1.82 1.29
N ILE A 48 18.18 -1.63 1.94
CA ILE A 48 17.04 -1.00 1.30
C ILE A 48 17.22 0.50 1.46
N PHE A 49 16.96 1.24 0.38
CA PHE A 49 17.24 2.67 0.31
C PHE A 49 15.95 3.36 -0.09
N ASN A 50 15.47 4.30 0.72
CA ASN A 50 14.20 4.96 0.39
C ASN A 50 14.24 5.70 -0.98
N ASN A 51 15.40 6.28 -1.29
CA ASN A 51 15.71 6.87 -2.60
C ASN A 51 14.60 7.77 -3.15
N VAL A 52 14.25 8.82 -2.42
CA VAL A 52 13.15 9.69 -2.80
C VAL A 52 13.72 10.92 -3.51
N TRP A 53 13.21 11.20 -4.70
CA TRP A 53 13.68 12.33 -5.50
C TRP A 53 12.72 13.50 -5.50
N GLY A 54 11.43 13.20 -5.34
CA GLY A 54 10.40 14.20 -5.59
C GLY A 54 9.70 14.76 -4.36
N ALA A 55 10.34 14.70 -3.20
CA ALA A 55 9.70 15.12 -1.94
C ALA A 55 9.17 16.56 -2.01
N ASP A 56 9.97 17.46 -2.58
CA ASP A 56 9.62 18.88 -2.70
C ASP A 56 8.66 19.16 -3.86
N GLN A 57 8.44 18.19 -4.75
CA GLN A 57 7.53 18.32 -5.90
C GLN A 57 6.07 17.92 -5.62
N VAL A 58 5.87 16.99 -4.68
CA VAL A 58 4.55 16.33 -4.55
C VAL A 58 3.99 16.51 -3.14
N SER A 59 2.88 17.26 -3.04
CA SER A 59 2.31 17.55 -1.73
C SER A 59 1.67 16.28 -1.22
N GLY A 60 1.99 15.97 0.03
CA GLY A 60 1.39 14.83 0.71
C GLY A 60 2.01 13.50 0.38
N TRP A 61 3.22 13.50 -0.22
CA TRP A 61 3.92 12.24 -0.49
C TRP A 61 4.27 11.57 0.84
N TRP A 62 4.32 10.24 0.85
CA TRP A 62 4.95 9.50 1.94
C TRP A 62 5.46 8.20 1.34
N GLN A 63 6.52 7.68 1.96
CA GLN A 63 7.15 6.45 1.49
C GLN A 63 7.94 5.82 2.61
N THR A 64 7.70 4.52 2.82
CA THR A 64 8.31 3.79 3.95
C THR A 64 8.92 2.51 3.43
N ILE A 65 10.15 2.24 3.86
CA ILE A 65 10.83 0.96 3.59
C ILE A 65 10.76 0.08 4.84
N TYR A 66 10.67 -1.24 4.67
CA TYR A 66 10.63 -2.15 5.81
C TYR A 66 11.41 -3.42 5.51
N HIS A 67 11.93 -4.02 6.56
CA HIS A 67 12.60 -5.31 6.47
C HIS A 67 12.17 -6.09 7.71
N ASN A 68 11.40 -7.15 7.49
CA ASN A 68 10.94 -8.03 8.57
C ASN A 68 11.86 -9.22 8.75
N SER A 69 12.32 -9.75 7.62
CA SER A 69 13.32 -10.81 7.58
C SER A 69 13.92 -10.78 6.19
N ASP A 70 14.92 -11.64 5.97
CA ASP A 70 15.54 -11.73 4.65
C ASP A 70 14.63 -12.33 3.57
N SER A 71 13.46 -12.84 3.95
CA SER A 71 12.43 -13.23 2.97
C SER A 71 11.11 -12.45 3.07
N ASP A 72 11.17 -11.27 3.69
CA ASP A 72 9.97 -10.44 3.86
C ASP A 72 10.41 -9.00 4.09
N MET A 73 10.44 -8.23 3.01
CA MET A 73 10.92 -6.84 3.03
C MET A 73 10.21 -6.14 1.88
N GLY A 74 10.29 -4.82 1.86
CA GLY A 74 9.64 -4.08 0.78
C GLY A 74 9.49 -2.62 1.14
N TRP A 75 8.45 -2.02 0.57
CA TRP A 75 8.19 -0.62 0.77
C TRP A 75 6.76 -0.29 0.36
N VAL A 76 6.31 0.87 0.84
CA VAL A 76 4.94 1.30 0.70
C VAL A 76 5.02 2.79 0.38
N TRP A 77 4.23 3.20 -0.60
CA TRP A 77 4.35 4.56 -1.12
C TRP A 77 3.05 5.25 -1.45
N ASN A 78 3.11 6.57 -1.48
CA ASN A 78 1.97 7.40 -1.85
C ASN A 78 2.53 8.62 -2.55
N TRP A 79 2.29 8.67 -3.86
CA TRP A 79 2.82 9.73 -4.73
C TRP A 79 1.64 10.29 -5.53
N PRO A 80 0.81 11.12 -4.89
CA PRO A 80 -0.39 11.64 -5.53
C PRO A 80 -0.01 12.69 -6.60
N SER A 81 0.31 12.21 -7.80
CA SER A 81 0.84 13.03 -8.87
C SER A 81 0.44 12.37 -10.18
N ASN A 82 0.17 13.17 -11.19
CA ASN A 82 0.05 12.60 -12.52
C ASN A 82 1.09 13.17 -13.49
N THR A 83 2.16 13.76 -12.95
CA THR A 83 3.28 14.20 -13.80
C THR A 83 4.17 13.01 -14.13
N SER A 84 4.91 13.11 -15.23
CA SER A 84 5.61 11.97 -15.79
C SER A 84 7.05 11.82 -15.29
N THR A 85 7.46 12.64 -14.33
CA THR A 85 8.79 12.51 -13.73
C THR A 85 8.87 11.33 -12.73
N VAL A 86 10.05 10.72 -12.60
CA VAL A 86 10.21 9.68 -11.56
C VAL A 86 10.28 10.41 -10.21
N LYS A 87 9.48 9.98 -9.25
CA LYS A 87 9.45 10.62 -7.92
C LYS A 87 10.40 9.93 -6.96
N ALA A 88 10.63 8.64 -7.18
CA ALA A 88 11.42 7.85 -6.25
C ALA A 88 11.79 6.54 -6.93
N TYR A 89 12.90 5.96 -6.48
CA TYR A 89 13.29 4.63 -6.94
CA TYR A 89 13.27 4.60 -6.91
C TYR A 89 13.72 3.82 -5.70
N PRO A 90 12.77 3.56 -4.76
CA PRO A 90 13.09 2.76 -3.57
C PRO A 90 13.62 1.43 -4.11
N SER A 91 14.74 0.98 -3.53
CA SER A 91 15.53 -0.11 -4.10
CA SER A 91 15.47 -0.14 -4.08
C SER A 91 16.26 -0.87 -3.01
N ILE A 92 16.59 -2.13 -3.30
CA ILE A 92 17.61 -2.85 -2.54
C ILE A 92 18.91 -2.66 -3.30
N VAL A 93 19.98 -2.33 -2.59
CA VAL A 93 21.29 -2.07 -3.21
C VAL A 93 22.31 -3.11 -2.77
N SER A 94 23.10 -3.57 -3.72
CA SER A 94 24.33 -4.32 -3.44
C SER A 94 25.49 -3.62 -4.15
N GLY A 95 26.52 -3.24 -3.39
CA GLY A 95 27.69 -2.58 -3.96
C GLY A 95 27.62 -1.08 -3.74
N TRP A 96 27.86 -0.33 -4.80
CA TRP A 96 27.98 1.13 -4.74
C TRP A 96 26.64 1.79 -5.07
N HIS A 97 26.35 2.92 -4.44
CA HIS A 97 25.27 3.79 -4.92
C HIS A 97 25.53 5.22 -4.50
N TRP A 98 26.26 5.95 -5.36
CA TRP A 98 26.72 7.30 -5.00
C TRP A 98 27.23 7.33 -3.55
N THR A 99 28.07 6.34 -3.27
CA THR A 99 28.73 6.17 -1.98
C THR A 99 30.23 6.12 -2.19
N GLU A 100 31.00 6.39 -1.14
CA GLU A 100 32.41 6.11 -1.19
C GLU A 100 32.61 4.62 -1.05
N GLY A 101 32.78 3.94 -2.18
CA GLY A 101 32.97 2.52 -2.12
C GLY A 101 31.68 1.71 -2.21
N TYR A 102 31.78 0.48 -1.73
CA TYR A 102 30.87 -0.60 -2.07
C TYR A 102 30.52 -1.35 -0.80
N THR A 103 29.26 -1.81 -0.68
CA THR A 103 28.84 -2.58 0.49
C THR A 103 29.74 -3.78 0.75
N ALA A 104 29.98 -4.05 2.03
CA ALA A 104 30.87 -5.12 2.45
C ALA A 104 30.43 -6.51 1.99
N GLY A 105 31.36 -7.26 1.41
CA GLY A 105 31.09 -8.61 0.96
C GLY A 105 30.18 -8.69 -0.27
N SER A 106 29.93 -7.53 -0.89
CA SER A 106 29.10 -7.48 -2.09
C SER A 106 29.76 -8.19 -3.27
N GLY A 107 31.09 -8.15 -3.34
CA GLY A 107 31.79 -8.70 -4.48
C GLY A 107 31.98 -7.69 -5.60
N PHE A 108 31.52 -6.46 -5.37
CA PHE A 108 31.76 -5.36 -6.28
C PHE A 108 32.91 -4.49 -5.76
N PRO A 109 33.68 -3.87 -6.68
CA PRO A 109 33.45 -3.93 -8.14
C PRO A 109 34.04 -5.19 -8.81
N THR A 110 33.56 -5.50 -10.01
CA THR A 110 34.07 -6.65 -10.74
C THR A 110 34.20 -6.27 -12.23
N ARG A 111 35.37 -6.53 -12.80
CA ARG A 111 35.62 -6.07 -14.17
C ARG A 111 34.95 -7.01 -15.17
N LEU A 112 34.33 -6.44 -16.20
CA LEU A 112 33.63 -7.27 -17.18
C LEU A 112 34.57 -8.30 -17.80
N SER A 113 35.79 -7.89 -18.14
CA SER A 113 36.78 -8.79 -18.74
C SER A 113 37.13 -9.99 -17.85
N ASP A 114 36.87 -9.86 -16.55
CA ASP A 114 37.11 -10.99 -15.61
C ASP A 114 36.02 -12.06 -15.63
N GLN A 115 34.87 -11.72 -16.21
CA GLN A 115 33.83 -12.69 -16.54
C GLN A 115 33.28 -13.43 -15.32
N LYS A 116 33.25 -12.77 -14.17
CA LYS A 116 32.59 -13.38 -13.01
C LYS A 116 31.09 -13.52 -13.27
N ASN A 117 30.50 -14.60 -12.76
CA ASN A 117 29.05 -14.72 -12.74
C ASN A 117 28.45 -13.80 -11.68
N ILE A 118 27.35 -13.14 -12.02
CA ILE A 118 26.67 -12.25 -11.10
C ILE A 118 25.23 -12.73 -11.04
N ASN A 119 24.99 -13.70 -10.15
CA ASN A 119 23.71 -14.36 -10.12
C ASN A 119 22.79 -13.68 -9.14
N THR A 120 21.62 -13.32 -9.64
CA THR A 120 20.61 -12.66 -8.84
CA THR A 120 20.59 -12.65 -8.84
C THR A 120 19.37 -13.53 -8.71
N LYS A 121 18.65 -13.35 -7.63
CA LYS A 121 17.35 -13.97 -7.45
CA LYS A 121 17.33 -13.94 -7.49
C LYS A 121 16.42 -12.91 -6.89
N VAL A 122 15.22 -12.80 -7.47
CA VAL A 122 14.20 -11.97 -6.86
C VAL A 122 12.83 -12.60 -7.06
N SER A 123 11.99 -12.55 -6.02
CA SER A 123 10.57 -12.83 -6.14
C SER A 123 9.86 -11.69 -5.42
N TYR A 124 8.83 -11.14 -6.05
CA TYR A 124 8.16 -9.99 -5.47
C TYR A 124 6.71 -9.96 -5.92
N SER A 125 5.92 -9.11 -5.26
CA SER A 125 4.54 -8.90 -5.67
C SER A 125 4.22 -7.44 -5.38
N ILE A 126 3.77 -6.74 -6.41
CA ILE A 126 3.26 -5.36 -6.28
C ILE A 126 1.73 -5.28 -6.21
N SER A 127 1.22 -4.48 -5.28
CA SER A 127 -0.18 -4.06 -5.31
C SER A 127 -0.22 -2.53 -5.33
N ALA A 128 -0.61 -1.96 -6.46
CA ALA A 128 -0.58 -0.50 -6.61
C ALA A 128 -1.49 -0.03 -7.72
N ASN A 129 -1.78 1.26 -7.72
CA ASN A 129 -2.35 1.90 -8.90
C ASN A 129 -1.31 2.85 -9.50
N GLY A 130 -1.67 3.60 -10.55
CA GLY A 130 -0.80 4.63 -11.09
C GLY A 130 0.23 4.13 -12.09
N THR A 131 1.43 4.71 -12.02
CA THR A 131 2.45 4.49 -13.04
C THR A 131 3.76 4.14 -12.35
N TYR A 132 4.27 2.94 -12.63
CA TYR A 132 5.49 2.47 -11.97
C TYR A 132 6.10 1.33 -12.75
N ASN A 133 7.28 0.91 -12.32
CA ASN A 133 7.84 -0.30 -12.87
C ASN A 133 8.52 -1.06 -11.74
N ALA A 134 9.10 -2.22 -12.07
CA ALA A 134 9.97 -2.93 -11.13
C ALA A 134 11.14 -3.35 -11.99
N ALA A 135 12.34 -2.95 -11.56
CA ALA A 135 13.55 -3.16 -12.37
C ALA A 135 14.82 -3.31 -11.59
N TYR A 136 15.66 -4.22 -12.07
CA TYR A 136 17.07 -4.22 -11.70
C TYR A 136 17.73 -2.99 -12.28
N ASP A 137 18.68 -2.49 -11.54
CA ASP A 137 19.45 -1.33 -11.90
C ASP A 137 20.90 -1.71 -11.67
N ILE A 138 21.70 -1.66 -12.72
CA ILE A 138 23.09 -2.08 -12.66
C ILE A 138 23.92 -0.89 -13.12
N TRP A 139 24.86 -0.49 -12.28
CA TRP A 139 25.72 0.69 -12.51
C TRP A 139 27.13 0.26 -12.84
N LEU A 140 27.70 0.90 -13.85
CA LEU A 140 29.07 0.65 -14.29
C LEU A 140 29.91 1.93 -14.32
N HIS A 141 31.21 1.75 -14.08
CA HIS A 141 32.22 2.83 -14.12
C HIS A 141 33.49 2.32 -14.84
N ASN A 142 34.34 3.25 -15.28
CA ASN A 142 35.70 2.93 -15.67
C ASN A 142 36.57 2.65 -14.45
N THR A 143 36.29 3.34 -13.35
CA THR A 143 37.10 3.15 -12.14
C THR A 143 36.62 1.95 -11.30
N ASN A 144 37.55 1.35 -10.58
CA ASN A 144 37.23 0.33 -9.59
C ASN A 144 37.29 0.88 -8.16
N LYS A 145 37.35 2.21 -8.09
CA LYS A 145 37.40 2.96 -6.84
CA LYS A 145 37.34 2.90 -6.81
C LYS A 145 36.35 4.08 -6.87
N ALA A 146 35.10 3.73 -7.15
CA ALA A 146 34.02 4.69 -7.28
C ALA A 146 33.79 5.48 -6.00
N SER A 147 33.61 6.80 -6.16
CA SER A 147 33.40 7.69 -5.04
CA SER A 147 33.38 7.71 -5.04
C SER A 147 31.94 8.13 -4.98
N TRP A 148 31.57 8.83 -3.92
CA TRP A 148 30.17 9.23 -3.74
C TRP A 148 29.69 10.15 -4.86
N ASP A 149 30.59 10.84 -5.54
CA ASP A 149 30.21 11.72 -6.67
C ASP A 149 30.75 11.26 -8.04
N SER A 150 31.13 10.00 -8.14
CA SER A 150 31.59 9.42 -9.41
C SER A 150 30.38 9.12 -10.29
N ALA A 151 30.11 9.97 -11.29
CA ALA A 151 29.09 9.62 -12.27
C ALA A 151 29.41 8.27 -12.92
N PRO A 152 28.43 7.35 -12.95
CA PRO A 152 28.57 6.13 -13.74
C PRO A 152 28.82 6.44 -15.21
N THR A 153 29.44 5.49 -15.90
CA THR A 153 29.59 5.57 -17.36
C THR A 153 28.40 4.93 -18.07
N ASP A 154 27.78 3.93 -17.41
CA ASP A 154 26.63 3.19 -17.98
C ASP A 154 25.67 2.74 -16.90
N GLN A 155 24.39 2.69 -17.27
CA GLN A 155 23.33 2.14 -16.43
C GLN A 155 22.66 1.05 -17.27
N ILE A 156 22.40 -0.11 -16.66
CA ILE A 156 21.59 -1.15 -17.31
C ILE A 156 20.33 -1.35 -16.45
N MET A 157 19.17 -1.25 -17.08
CA MET A 157 17.92 -1.59 -16.38
C MET A 157 17.30 -2.86 -16.94
N ILE A 158 16.87 -3.74 -16.03
CA ILE A 158 16.19 -4.94 -16.47
C ILE A 158 14.81 -4.94 -15.82
N TRP A 159 13.79 -4.57 -16.59
CA TRP A 159 12.45 -4.38 -16.07
C TRP A 159 11.66 -5.69 -16.02
N LEU A 160 11.26 -6.06 -14.83
CA LEU A 160 10.38 -7.22 -14.65
C LEU A 160 8.90 -6.84 -14.60
N ASN A 161 8.62 -5.55 -14.38
CA ASN A 161 7.26 -5.05 -14.45
C ASN A 161 7.29 -3.70 -15.14
N ASN A 162 6.40 -3.49 -16.10
CA ASN A 162 6.14 -2.15 -16.62
C ASN A 162 4.66 -1.88 -16.45
N THR A 163 4.34 -0.84 -15.67
CA THR A 163 2.94 -0.46 -15.47
C THR A 163 2.76 1.00 -15.92
N ASN A 164 2.36 1.16 -17.19
CA ASN A 164 2.09 2.47 -17.81
CA ASN A 164 2.09 2.48 -17.81
C ASN A 164 3.31 3.37 -18.01
N ALA A 165 4.52 2.81 -17.90
CA ALA A 165 5.72 3.60 -18.04
C ALA A 165 6.45 3.20 -19.32
N GLY A 166 7.64 3.72 -19.47
CA GLY A 166 8.42 3.44 -20.66
C GLY A 166 9.82 3.95 -20.47
N PRO A 167 10.77 3.35 -21.17
CA PRO A 167 12.20 3.63 -20.99
C PRO A 167 12.69 4.88 -21.74
N ALA A 168 13.84 5.37 -21.32
CA ALA A 168 14.63 6.37 -22.04
C ALA A 168 15.29 5.68 -23.23
N GLY A 169 15.46 6.42 -24.33
CA GLY A 169 16.20 5.94 -25.50
C GLY A 169 15.37 5.31 -26.61
N SER A 170 16.06 4.75 -27.60
CA SER A 170 15.42 4.18 -28.77
C SER A 170 15.42 2.68 -28.72
N TYR A 171 14.30 2.10 -29.14
CA TYR A 171 14.20 0.67 -29.33
C TYR A 171 15.21 0.18 -30.36
N VAL A 172 15.83 -0.96 -30.06
CA VAL A 172 16.76 -1.60 -30.95
C VAL A 172 16.23 -2.92 -31.49
N GLU A 173 15.88 -3.84 -30.60
CA GLU A 173 15.42 -5.17 -31.01
C GLU A 173 14.87 -5.89 -29.79
N THR A 174 14.28 -7.05 -30.04
CA THR A 174 13.84 -7.97 -28.99
C THR A 174 14.75 -9.19 -28.99
N VAL A 175 15.21 -9.55 -27.79
CA VAL A 175 16.19 -10.64 -27.64
CA VAL A 175 16.19 -10.64 -27.62
C VAL A 175 15.83 -11.57 -26.48
N SER A 176 16.14 -12.85 -26.64
CA SER A 176 15.93 -13.85 -25.63
C SER A 176 17.24 -14.08 -24.84
N ILE A 177 17.19 -13.79 -23.55
CA ILE A 177 18.34 -13.93 -22.62
C ILE A 177 17.83 -14.48 -21.30
N GLY A 178 18.53 -15.49 -20.77
CA GLY A 178 18.22 -16.07 -19.48
C GLY A 178 16.89 -16.82 -19.41
N GLY A 179 16.33 -17.14 -20.57
CA GLY A 179 15.03 -17.81 -20.61
C GLY A 179 13.85 -16.85 -20.69
N HIS A 180 14.13 -15.56 -20.93
CA HIS A 180 13.10 -14.53 -20.99
C HIS A 180 13.28 -13.74 -22.26
N SER A 181 12.21 -13.10 -22.75
CA SER A 181 12.30 -12.20 -23.92
C SER A 181 12.27 -10.75 -23.45
N TRP A 182 13.15 -9.94 -24.03
CA TRP A 182 13.38 -8.56 -23.58
C TRP A 182 13.37 -7.63 -24.78
N LYS A 183 12.59 -6.55 -24.69
CA LYS A 183 12.76 -5.44 -25.62
C LYS A 183 13.95 -4.61 -25.16
N VAL A 184 14.86 -4.34 -26.09
CA VAL A 184 16.10 -3.64 -25.80
C VAL A 184 16.03 -2.20 -26.29
N TYR A 185 16.38 -1.26 -25.42
CA TYR A 185 16.46 0.18 -25.71
C TYR A 185 17.85 0.71 -25.39
N LYS A 186 18.27 1.73 -26.13
CA LYS A 186 19.60 2.31 -25.94
C LYS A 186 19.42 3.81 -25.89
N GLY A 187 19.92 4.47 -24.85
CA GLY A 187 19.74 5.91 -24.75
C GLY A 187 20.85 6.51 -23.90
N TYR A 188 20.68 7.78 -23.56
CA TYR A 188 21.66 8.51 -22.76
C TYR A 188 20.94 9.38 -21.74
N ILE A 189 21.40 9.33 -20.50
CA ILE A 189 20.85 10.14 -19.42
C ILE A 189 21.80 11.29 -19.13
N ASP A 190 21.29 12.52 -19.25
CA ASP A 190 22.04 13.69 -18.85
C ASP A 190 21.80 13.90 -17.37
N ALA A 191 22.88 13.92 -16.60
CA ALA A 191 22.84 14.22 -15.17
C ALA A 191 23.02 15.71 -14.86
N GLY A 192 23.14 16.53 -15.90
CA GLY A 192 23.51 17.94 -15.70
C GLY A 192 24.99 18.18 -15.37
N GLY A 193 25.42 19.43 -15.52
CA GLY A 193 26.79 19.81 -15.18
C GLY A 193 27.87 19.10 -15.98
N GLY A 194 27.54 18.62 -17.17
CA GLY A 194 28.51 17.91 -18.04
C GLY A 194 28.65 16.41 -17.73
N LYS A 195 27.79 15.91 -16.85
CA LYS A 195 27.79 14.51 -16.43
C LYS A 195 26.60 13.72 -17.01
N GLY A 196 26.76 12.41 -17.12
CA GLY A 196 25.67 11.58 -17.64
C GLY A 196 26.21 10.21 -17.99
N TRP A 197 25.34 9.37 -18.53
CA TRP A 197 25.71 7.98 -18.83
C TRP A 197 24.79 7.36 -19.87
N ASN A 198 25.29 6.33 -20.53
CA ASN A 198 24.48 5.50 -21.40
C ASN A 198 23.48 4.75 -20.53
N VAL A 199 22.29 4.54 -21.08
CA VAL A 199 21.34 3.66 -20.43
C VAL A 199 20.84 2.58 -21.40
N PHE A 200 21.01 1.32 -20.97
CA PHE A 200 20.56 0.18 -21.76
C PHE A 200 19.43 -0.45 -21.00
N SER A 201 18.26 -0.51 -21.63
CA SER A 201 17.09 -1.06 -20.95
C SER A 201 16.64 -2.36 -21.60
N PHE A 202 16.37 -3.35 -20.76
CA PHE A 202 15.78 -4.62 -21.18
C PHE A 202 14.42 -4.69 -20.51
N ILE A 203 13.37 -4.67 -21.32
CA ILE A 203 12.03 -4.71 -20.73
C ILE A 203 11.35 -6.04 -21.07
N ARG A 204 11.01 -6.82 -20.05
CA ARG A 204 10.41 -8.14 -20.31
C ARG A 204 9.13 -7.92 -21.14
N THR A 205 8.87 -8.80 -22.11
CA THR A 205 7.77 -8.57 -23.06
C THR A 205 6.41 -8.71 -22.38
N ALA A 206 6.40 -9.36 -21.22
CA ALA A 206 5.27 -9.35 -20.28
C ALA A 206 5.77 -9.34 -18.85
N ASN A 207 4.95 -8.81 -17.93
CA ASN A 207 5.40 -8.74 -16.54
C ASN A 207 5.60 -10.12 -15.92
N THR A 208 6.58 -10.20 -15.01
CA THR A 208 6.79 -11.41 -14.18
C THR A 208 7.11 -11.06 -12.74
N GLN A 209 6.77 -11.95 -11.80
CA GLN A 209 7.01 -11.71 -10.37
C GLN A 209 8.26 -12.38 -9.80
N SER A 210 8.98 -13.09 -10.65
CA SER A 210 10.24 -13.72 -10.25
CA SER A 210 10.22 -13.75 -10.26
C SER A 210 11.18 -13.84 -11.44
N ALA A 211 12.47 -13.69 -11.17
CA ALA A 211 13.51 -13.93 -12.17
C ALA A 211 14.77 -14.29 -11.42
N ASN A 212 15.52 -15.24 -11.96
CA ASN A 212 16.81 -15.67 -11.44
CA ASN A 212 16.81 -15.58 -11.43
C ASN A 212 17.73 -15.45 -12.63
N LEU A 213 18.49 -14.36 -12.60
CA LEU A 213 19.26 -13.94 -13.75
C LEU A 213 20.75 -13.94 -13.47
N ASN A 214 21.53 -14.05 -14.53
CA ASN A 214 22.96 -13.84 -14.44
C ASN A 214 23.25 -12.54 -15.19
N ILE A 215 23.68 -11.50 -14.46
CA ILE A 215 23.91 -10.19 -15.09
C ILE A 215 24.95 -10.28 -16.23
N ARG A 216 25.85 -11.25 -16.12
CA ARG A 216 26.88 -11.45 -17.14
CA ARG A 216 26.89 -11.50 -17.13
C ARG A 216 26.30 -11.78 -18.52
N ASP A 217 25.15 -12.46 -18.56
CA ASP A 217 24.46 -12.71 -19.83
C ASP A 217 24.15 -11.36 -20.52
N PHE A 218 23.70 -10.39 -19.71
CA PHE A 218 23.29 -9.07 -20.23
C PHE A 218 24.46 -8.20 -20.63
N THR A 219 25.49 -8.18 -19.80
CA THR A 219 26.68 -7.42 -20.12
C THR A 219 27.42 -8.04 -21.33
N ASN A 220 27.49 -9.37 -21.43
CA ASN A 220 28.07 -10.01 -22.62
C ASN A 220 27.24 -9.74 -23.89
N TYR A 221 25.93 -9.66 -23.77
CA TYR A 221 25.12 -9.27 -24.92
C TYR A 221 25.54 -7.85 -25.35
N LEU A 222 25.61 -6.93 -24.40
CA LEU A 222 25.98 -5.54 -24.72
C LEU A 222 27.41 -5.39 -25.28
N ALA A 223 28.33 -6.15 -24.71
CA ALA A 223 29.75 -6.09 -25.07
C ALA A 223 30.05 -6.92 -26.32
N ASP A 224 29.79 -8.23 -26.27
CA ASP A 224 30.07 -9.08 -27.43
C ASP A 224 29.05 -8.88 -28.55
N SER A 225 27.77 -9.12 -28.26
CA SER A 225 26.75 -9.18 -29.33
C SER A 225 26.59 -7.81 -30.02
N LYS A 226 26.59 -6.74 -29.22
CA LYS A 226 26.29 -5.42 -29.77
C LYS A 226 27.49 -4.47 -29.90
N GLN A 227 28.58 -4.78 -29.20
CA GLN A 227 29.77 -3.91 -29.14
C GLN A 227 29.45 -2.48 -28.72
N TRP A 228 28.59 -2.36 -27.70
CA TRP A 228 28.18 -1.08 -27.15
C TRP A 228 28.85 -0.81 -25.82
N LEU A 229 29.56 -1.80 -25.30
CA LEU A 229 30.05 -1.71 -23.93
C LEU A 229 31.44 -2.35 -23.86
N SER A 230 32.43 -1.57 -23.41
CA SER A 230 33.79 -2.08 -23.31
CA SER A 230 33.81 -2.07 -23.30
C SER A 230 33.95 -3.00 -22.10
N LYS A 231 34.62 -4.14 -22.31
CA LYS A 231 34.85 -5.10 -21.22
C LYS A 231 35.89 -4.60 -20.18
N THR A 232 36.46 -3.42 -20.43
CA THR A 232 37.33 -2.78 -19.44
C THR A 232 36.54 -2.19 -18.26
N LYS A 233 35.25 -2.01 -18.47
CA LYS A 233 34.43 -1.40 -17.44
C LYS A 233 34.19 -2.33 -16.27
N TYR A 234 33.87 -1.72 -15.12
CA TYR A 234 33.55 -2.42 -13.89
C TYR A 234 32.06 -2.35 -13.57
N VAL A 235 31.51 -3.46 -13.14
CA VAL A 235 30.15 -3.44 -12.55
C VAL A 235 30.33 -2.97 -11.12
N SER A 236 29.62 -1.91 -10.76
CA SER A 236 29.79 -1.25 -9.45
C SER A 236 28.71 -1.61 -8.45
N SER A 237 27.54 -1.97 -9.00
CA SER A 237 26.35 -2.12 -8.19
C SER A 237 25.33 -2.99 -8.95
N VAL A 238 24.60 -3.81 -8.22
CA VAL A 238 23.37 -4.44 -8.75
C VAL A 238 22.28 -4.16 -7.74
N GLU A 239 21.17 -3.58 -8.21
CA GLU A 239 20.09 -3.09 -7.35
C GLU A 239 18.76 -3.58 -7.92
N PHE A 240 17.73 -3.59 -7.09
CA PHE A 240 16.39 -3.91 -7.57
C PHE A 240 15.40 -3.02 -6.85
N GLY A 241 14.53 -2.37 -7.63
CA GLY A 241 13.61 -1.42 -7.05
C GLY A 241 12.43 -1.13 -7.95
N THR A 242 11.62 -0.16 -7.53
CA THR A 242 10.50 0.29 -8.34
C THR A 242 10.65 1.79 -8.59
N GLU A 243 10.69 2.20 -9.86
CA GLU A 243 10.55 3.62 -10.16
C GLU A 243 9.07 3.92 -10.03
N VAL A 244 8.76 4.92 -9.22
CA VAL A 244 7.36 5.37 -9.10
C VAL A 244 7.24 6.76 -9.71
N PHE A 245 6.30 6.87 -10.65
CA PHE A 245 5.96 8.13 -11.33
C PHE A 245 4.71 8.76 -10.69
N GLY A 246 3.74 7.94 -10.33
CA GLY A 246 2.53 8.44 -9.70
C GLY A 246 1.74 7.27 -9.13
N GLY A 247 1.05 7.54 -8.03
CA GLY A 247 0.09 6.58 -7.51
C GLY A 247 0.49 6.08 -6.14
N THR A 248 -0.29 5.12 -5.68
CA THR A 248 -0.16 4.64 -4.30
C THR A 248 -0.12 3.12 -4.30
N GLY A 249 0.72 2.54 -3.46
CA GLY A 249 0.79 1.08 -3.41
C GLY A 249 1.91 0.57 -2.54
N GLN A 250 2.32 -0.65 -2.85
CA GLN A 250 3.27 -1.38 -2.02
C GLN A 250 3.86 -2.54 -2.82
N ILE A 251 5.03 -2.97 -2.36
CA ILE A 251 5.70 -4.15 -2.86
C ILE A 251 6.13 -4.98 -1.66
N ASN A 252 6.03 -6.30 -1.83
CA ASN A 252 6.67 -7.20 -0.91
C ASN A 252 7.63 -8.06 -1.72
N ILE A 253 8.81 -8.25 -1.16
CA ILE A 253 9.87 -9.04 -1.76
C ILE A 253 10.10 -10.25 -0.86
N SER A 254 9.93 -11.41 -1.46
CA SER A 254 10.01 -12.68 -0.70
C SER A 254 11.29 -13.48 -0.94
N ASN A 255 12.06 -13.08 -1.96
CA ASN A 255 13.36 -13.71 -2.21
C ASN A 255 14.29 -12.63 -2.79
N TRP A 256 15.52 -12.57 -2.28
CA TRP A 256 16.52 -11.62 -2.79
C TRP A 256 17.95 -12.08 -2.52
N ASP A 257 18.80 -12.01 -3.53
CA ASP A 257 20.24 -12.19 -3.35
CA ASP A 257 20.22 -12.28 -3.39
C ASP A 257 20.94 -11.78 -4.63
N VAL A 258 22.17 -11.31 -4.47
CA VAL A 258 23.05 -11.08 -5.62
C VAL A 258 24.40 -11.66 -5.18
N THR A 259 24.91 -12.61 -5.95
CA THR A 259 26.18 -13.25 -5.60
C THR A 259 27.15 -13.22 -6.78
N VAL A 260 28.32 -12.64 -6.53
CA VAL A 260 29.38 -12.48 -7.53
C VAL A 260 30.37 -13.59 -7.25
N ARG A 261 30.58 -14.46 -8.23
CA ARG A 261 31.51 -15.56 -8.02
C ARG A 261 32.11 -16.03 -9.33
N ALA B 30 -1.02 14.08 5.84
CA ALA B 30 -0.38 13.33 6.93
C ALA B 30 -0.61 11.82 6.72
N SER B 31 0.26 11.02 7.34
CA SER B 31 0.09 9.57 7.32
C SER B 31 0.61 8.97 8.61
N SER B 32 0.17 7.76 8.90
CA SER B 32 0.69 7.03 10.06
CA SER B 32 0.63 7.03 10.08
C SER B 32 0.49 5.54 9.89
N SER B 33 1.40 4.78 10.47
CA SER B 33 1.47 3.35 10.22
CA SER B 33 1.44 3.34 10.23
C SER B 33 1.50 2.57 11.52
N ASN B 34 1.28 3.28 12.64
CA ASN B 34 1.26 2.70 13.96
C ASN B 34 -0.16 2.38 14.37
N PRO B 35 -0.35 1.15 14.90
CA PRO B 35 -1.69 0.80 15.35
C PRO B 35 -2.19 1.89 16.31
N SER B 36 -3.46 2.24 16.13
CA SER B 36 -4.19 3.19 16.97
C SER B 36 -3.85 4.65 16.71
N ASP B 37 -2.93 4.92 15.79
CA ASP B 37 -2.69 6.30 15.38
C ASP B 37 -3.98 6.92 14.83
N LYS B 38 -4.18 8.19 15.13
CA LYS B 38 -5.30 8.98 14.56
C LYS B 38 -4.83 10.14 13.69
N LEU B 39 -5.59 10.42 12.65
CA LEU B 39 -5.33 11.55 11.76
C LEU B 39 -6.58 12.39 11.70
N TYR B 40 -6.60 13.52 12.41
CA TYR B 40 -7.78 14.41 12.39
C TYR B 40 -7.91 15.17 11.07
N PHE B 41 -9.15 15.42 10.67
CA PHE B 41 -9.42 16.35 9.57
C PHE B 41 -10.78 17.02 9.74
N LYS B 42 -11.06 17.99 8.86
CA LYS B 42 -12.31 18.77 8.93
C LYS B 42 -12.48 19.39 10.33
N ASN B 43 -11.45 20.13 10.74
CA ASN B 43 -11.42 20.84 12.02
C ASN B 43 -11.73 19.93 13.21
N LYS B 44 -11.09 18.76 13.19
CA LYS B 44 -11.17 17.72 14.21
C LYS B 44 -12.57 17.09 14.37
N LYS B 45 -13.45 17.31 13.37
CA LYS B 45 -14.78 16.69 13.40
C LYS B 45 -14.68 15.16 13.18
N TYR B 46 -13.66 14.76 12.41
CA TYR B 46 -13.48 13.35 12.05
C TYR B 46 -12.03 13.02 12.29
N TYR B 47 -11.75 11.73 12.44
CA TYR B 47 -10.36 11.25 12.29
C TYR B 47 -10.32 9.89 11.57
N ILE B 48 -9.20 9.64 10.91
CA ILE B 48 -8.88 8.30 10.43
C ILE B 48 -8.12 7.58 11.55
N PHE B 49 -8.51 6.34 11.80
CA PHE B 49 -8.01 5.55 12.93
C PHE B 49 -7.43 4.26 12.36
N ASN B 50 -6.25 3.80 12.78
N ASN B 50 -6.16 4.06 12.69
CA ASN B 50 -5.77 2.50 12.23
CA ASN B 50 -5.36 2.97 12.20
C ASN B 50 -6.63 1.27 12.64
C ASN B 50 -5.70 1.79 13.12
N ASN B 51 -6.98 1.19 13.92
N ASN B 51 -6.94 1.36 13.00
CA ASN B 51 -7.92 0.18 14.42
CA ASN B 51 -7.56 0.36 13.86
C ASN B 51 -7.53 -1.27 14.08
C ASN B 51 -7.10 -1.04 13.49
N VAL B 52 -6.28 -1.61 14.35
CA VAL B 52 -5.73 -2.96 14.11
C VAL B 52 -6.06 -3.91 15.27
N TRP B 53 -6.55 -5.10 14.93
CA TRP B 53 -6.89 -6.15 15.93
C TRP B 53 -5.97 -7.38 15.86
N GLY B 54 -5.45 -7.70 14.68
CA GLY B 54 -4.65 -8.93 14.48
C GLY B 54 -3.15 -8.81 14.34
N ALA B 55 -2.54 -7.75 14.90
CA ALA B 55 -1.08 -7.55 14.79
C ALA B 55 -0.29 -8.79 15.24
N ASP B 56 -0.74 -9.41 16.34
CA ASP B 56 -0.03 -10.56 16.89
C ASP B 56 -0.39 -11.89 16.20
N GLN B 57 -1.38 -11.87 15.31
CA GLN B 57 -1.85 -13.07 14.61
C GLN B 57 -1.14 -13.29 13.28
N VAL B 58 -0.65 -12.20 12.66
CA VAL B 58 -0.19 -12.23 11.27
C VAL B 58 1.25 -11.74 11.17
N SER B 59 2.15 -12.61 10.68
CA SER B 59 3.55 -12.22 10.50
C SER B 59 3.70 -11.26 9.30
N GLY B 60 4.41 -10.16 9.52
CA GLY B 60 4.69 -9.23 8.40
C GLY B 60 3.51 -8.45 7.87
N TRP B 61 2.52 -8.15 8.73
CA TRP B 61 1.40 -7.32 8.34
C TRP B 61 1.86 -5.86 8.12
N TRP B 62 1.04 -5.06 7.44
CA TRP B 62 1.34 -3.65 7.27
C TRP B 62 0.04 -2.87 7.20
N GLN B 63 0.03 -1.66 7.77
CA GLN B 63 -1.14 -0.79 7.54
C GLN B 63 -0.80 0.68 7.78
N THR B 64 -1.01 1.49 6.74
CA THR B 64 -0.76 2.93 6.81
C THR B 64 -2.06 3.62 6.47
N ILE B 65 -2.46 4.60 7.30
CA ILE B 65 -3.60 5.48 6.98
C ILE B 65 -3.06 6.83 6.54
N TYR B 66 -3.82 7.55 5.72
CA TYR B 66 -3.34 8.84 5.25
C TYR B 66 -4.50 9.74 4.86
N HIS B 67 -4.21 11.03 4.88
CA HIS B 67 -5.15 12.07 4.44
C HIS B 67 -4.29 13.06 3.66
N ASN B 68 -4.48 13.11 2.33
CA ASN B 68 -3.77 14.07 1.41
C ASN B 68 -4.61 15.35 1.36
N SER B 69 -5.93 15.19 1.30
CA SER B 69 -6.88 16.31 1.33
C SER B 69 -8.26 15.73 1.63
N ASP B 70 -9.28 16.58 1.70
CA ASP B 70 -10.65 16.06 1.87
C ASP B 70 -11.20 15.34 0.62
N SER B 71 -10.45 15.33 -0.48
CA SER B 71 -10.90 14.58 -1.64
C SER B 71 -9.91 13.46 -2.00
N ASP B 72 -8.95 13.24 -1.10
CA ASP B 72 -7.89 12.28 -1.27
C ASP B 72 -7.39 11.77 0.08
N MET B 73 -7.97 10.66 0.53
CA MET B 73 -7.52 10.04 1.78
C MET B 73 -7.74 8.52 1.64
N GLY B 74 -7.24 7.74 2.60
CA GLY B 74 -7.48 6.30 2.56
C GLY B 74 -6.45 5.54 3.36
N TRP B 75 -6.22 4.29 2.97
CA TRP B 75 -5.26 3.48 3.69
C TRP B 75 -4.77 2.33 2.84
N VAL B 76 -3.60 1.84 3.19
CA VAL B 76 -2.91 0.83 2.43
C VAL B 76 -2.58 -0.29 3.41
N TRP B 77 -2.96 -1.51 3.05
CA TRP B 77 -2.82 -2.63 3.97
C TRP B 77 -2.21 -3.90 3.39
N ASN B 78 -1.67 -4.70 4.29
CA ASN B 78 -1.14 -6.03 3.96
C ASN B 78 -1.42 -6.98 5.14
N TRP B 79 -2.33 -7.91 4.91
CA TRP B 79 -2.76 -8.83 5.96
C TRP B 79 -2.69 -10.25 5.36
N PRO B 80 -1.46 -10.76 5.13
CA PRO B 80 -1.26 -12.05 4.49
C PRO B 80 -1.75 -13.17 5.42
N SER B 81 -2.98 -13.62 5.19
CA SER B 81 -3.66 -14.54 6.08
C SER B 81 -4.73 -15.33 5.37
N ASN B 82 -4.86 -16.60 5.74
N ASN B 82 -4.87 -16.58 5.80
CA ASN B 82 -5.96 -17.43 5.28
CA ASN B 82 -5.92 -17.47 5.33
C ASN B 82 -6.78 -17.92 6.49
C ASN B 82 -7.10 -17.53 6.30
N THR B 83 -6.95 -17.03 7.45
N THR B 83 -6.83 -17.25 7.57
CA THR B 83 -7.84 -17.30 8.56
CA THR B 83 -7.85 -17.38 8.62
C THR B 83 -8.96 -16.28 8.53
C THR B 83 -8.98 -16.37 8.43
N SER B 84 -10.13 -16.67 9.03
CA SER B 84 -11.34 -15.86 8.84
C SER B 84 -11.64 -14.80 9.93
N THR B 85 -10.73 -14.58 10.88
CA THR B 85 -10.91 -13.46 11.83
C THR B 85 -10.71 -12.10 11.14
N VAL B 86 -11.42 -11.09 11.62
CA VAL B 86 -11.13 -9.70 11.20
C VAL B 86 -9.77 -9.32 11.79
N LYS B 87 -8.88 -8.83 10.92
CA LYS B 87 -7.52 -8.45 11.34
C LYS B 87 -7.46 -6.97 11.69
N ALA B 88 -8.32 -6.19 11.04
CA ALA B 88 -8.29 -4.74 11.16
C ALA B 88 -9.56 -4.11 10.61
N TYR B 89 -9.83 -2.90 11.06
CA TYR B 89 -10.90 -2.08 10.51
C TYR B 89 -10.44 -0.62 10.43
N PRO B 90 -9.45 -0.34 9.58
CA PRO B 90 -9.04 1.06 9.34
C PRO B 90 -10.31 1.79 8.93
N SER B 91 -10.53 2.99 9.45
CA SER B 91 -11.83 3.65 9.33
CA SER B 91 -11.84 3.65 9.36
C SER B 91 -11.72 5.14 9.57
N ILE B 92 -12.74 5.85 9.10
CA ILE B 92 -12.97 7.24 9.49
C ILE B 92 -14.04 7.20 10.58
N VAL B 93 -13.80 7.95 11.66
CA VAL B 93 -14.69 8.03 12.83
C VAL B 93 -15.26 9.42 12.97
N SER B 94 -16.57 9.51 13.18
CA SER B 94 -17.20 10.73 13.63
C SER B 94 -17.92 10.41 14.95
N GLY B 95 -17.68 11.19 15.99
CA GLY B 95 -18.30 10.95 17.31
C GLY B 95 -17.36 10.16 18.22
N TRP B 96 -17.92 9.15 18.88
CA TRP B 96 -17.20 8.29 19.85
C TRP B 96 -16.59 7.04 19.22
N HIS B 97 -15.46 6.59 19.76
CA HIS B 97 -14.96 5.24 19.50
C HIS B 97 -14.06 4.78 20.65
N TRP B 98 -14.69 4.17 21.66
CA TRP B 98 -13.98 3.80 22.90
C TRP B 98 -13.06 4.96 23.32
N THR B 99 -13.63 6.17 23.31
CA THR B 99 -12.92 7.41 23.71
C THR B 99 -13.65 8.01 24.92
N GLU B 100 -12.97 8.87 25.67
CA GLU B 100 -13.62 9.61 26.76
C GLU B 100 -14.84 10.40 26.32
N GLY B 101 -14.89 10.73 25.02
CA GLY B 101 -15.98 11.56 24.50
C GLY B 101 -16.20 11.42 23.00
N TYR B 102 -16.68 12.50 22.41
CA TYR B 102 -17.15 12.55 21.03
C TYR B 102 -16.42 13.66 20.34
N THR B 103 -16.12 13.47 19.05
CA THR B 103 -15.40 14.50 18.31
C THR B 103 -16.18 15.81 18.26
N ALA B 104 -15.44 16.91 18.32
CA ALA B 104 -16.01 18.27 18.35
C ALA B 104 -16.87 18.55 17.11
N GLY B 105 -18.07 19.11 17.34
CA GLY B 105 -18.93 19.53 16.23
C GLY B 105 -19.50 18.36 15.41
N SER B 106 -19.30 17.12 15.89
CA SER B 106 -19.77 15.93 15.15
C SER B 106 -21.30 15.83 15.11
N GLY B 107 -21.95 16.34 16.16
CA GLY B 107 -23.40 16.17 16.33
C GLY B 107 -23.79 14.94 17.16
N PHE B 108 -22.81 14.13 17.57
CA PHE B 108 -23.03 12.96 18.41
C PHE B 108 -22.68 13.29 19.86
N PRO B 109 -23.43 12.73 20.84
CA PRO B 109 -24.48 11.74 20.62
C PRO B 109 -25.81 12.37 20.26
N THR B 110 -26.67 11.59 19.59
CA THR B 110 -28.01 12.06 19.24
C THR B 110 -29.05 10.98 19.57
N ARG B 111 -30.06 11.35 20.35
CA ARG B 111 -31.03 10.38 20.83
C ARG B 111 -32.00 10.02 19.70
N LEU B 112 -32.25 8.73 19.51
CA LEU B 112 -33.12 8.30 18.42
C LEU B 112 -34.49 8.97 18.49
N SER B 113 -35.01 9.11 19.71
CA SER B 113 -36.34 9.72 19.88
C SER B 113 -36.38 11.18 19.41
N ASP B 114 -35.21 11.80 19.25
CA ASP B 114 -35.12 13.18 18.71
C ASP B 114 -35.29 13.24 17.19
N GLN B 115 -35.25 12.07 16.55
CA GLN B 115 -35.54 11.92 15.11
C GLN B 115 -34.67 12.82 14.18
N LYS B 116 -33.39 13.01 14.54
CA LYS B 116 -32.49 13.78 13.69
C LYS B 116 -32.19 13.02 12.42
N ASN B 117 -32.05 13.74 11.32
CA ASN B 117 -31.48 13.15 10.14
C ASN B 117 -29.99 13.00 10.37
N ILE B 118 -29.42 11.91 9.92
CA ILE B 118 -28.00 11.70 10.03
C ILE B 118 -27.61 11.35 8.62
N ASN B 119 -27.32 12.39 7.85
CA ASN B 119 -27.07 12.22 6.43
C ASN B 119 -25.60 11.88 6.28
N THR B 120 -25.30 10.91 5.42
CA THR B 120 -23.91 10.62 5.15
CA THR B 120 -23.92 10.49 5.17
C THR B 120 -23.68 10.46 3.65
N LYS B 121 -22.48 10.83 3.22
CA LYS B 121 -22.05 10.66 1.83
C LYS B 121 -20.66 10.05 1.85
N VAL B 122 -20.44 9.05 1.00
CA VAL B 122 -19.09 8.57 0.76
C VAL B 122 -18.92 8.18 -0.69
N SER B 123 -17.71 8.42 -1.20
CA SER B 123 -17.31 7.90 -2.52
C SER B 123 -15.93 7.29 -2.33
N TYR B 124 -15.75 6.08 -2.83
CA TYR B 124 -14.49 5.39 -2.60
C TYR B 124 -14.21 4.40 -3.74
N SER B 125 -12.98 3.90 -3.74
CA SER B 125 -12.58 2.82 -4.63
CA SER B 125 -12.63 2.79 -4.61
C SER B 125 -11.56 1.94 -3.91
N ILE B 126 -11.77 0.63 -3.96
CA ILE B 126 -10.83 -0.30 -3.36
C ILE B 126 -10.10 -1.01 -4.47
N SER B 127 -8.79 -1.21 -4.27
CA SER B 127 -7.98 -2.05 -5.12
CA SER B 127 -8.03 -2.11 -5.12
C SER B 127 -7.30 -3.06 -4.22
N ALA B 128 -7.80 -4.30 -4.20
CA ALA B 128 -7.29 -5.29 -3.27
C ALA B 128 -7.62 -6.71 -3.71
N ASN B 129 -6.93 -7.68 -3.12
CA ASN B 129 -7.33 -9.09 -3.24
C ASN B 129 -7.82 -9.58 -1.88
N GLY B 130 -8.12 -10.87 -1.79
CA GLY B 130 -8.44 -11.44 -0.50
C GLY B 130 -9.90 -11.23 -0.12
N THR B 131 -10.10 -11.06 1.19
CA THR B 131 -11.43 -11.06 1.81
C THR B 131 -11.52 -9.79 2.66
N TYR B 132 -12.51 -8.96 2.33
CA TYR B 132 -12.67 -7.67 3.00
C TYR B 132 -14.08 -7.16 2.70
N ASN B 133 -14.42 -6.05 3.36
CA ASN B 133 -15.64 -5.34 3.01
C ASN B 133 -15.38 -3.84 3.07
N ALA B 134 -16.40 -3.05 2.71
CA ALA B 134 -16.40 -1.61 2.98
C ALA B 134 -17.74 -1.35 3.65
N ALA B 135 -17.70 -0.82 4.87
CA ALA B 135 -18.92 -0.74 5.65
C ALA B 135 -18.93 0.43 6.62
N TYR B 136 -20.10 1.06 6.74
CA TYR B 136 -20.39 1.91 7.87
C TYR B 136 -20.53 1.08 9.13
N ASP B 137 -20.02 1.67 10.21
CA ASP B 137 -20.17 1.17 11.55
CA ASP B 137 -20.21 1.15 11.56
C ASP B 137 -20.90 2.25 12.35
N ILE B 138 -22.04 1.90 12.95
CA ILE B 138 -22.80 2.86 13.72
C ILE B 138 -22.94 2.25 15.12
N TRP B 139 -22.54 3.02 16.13
CA TRP B 139 -22.53 2.51 17.50
C TRP B 139 -23.59 3.24 18.33
N LEU B 140 -24.31 2.46 19.14
CA LEU B 140 -25.34 3.03 20.04
C LEU B 140 -25.11 2.67 21.50
N HIS B 141 -25.57 3.53 22.41
CA HIS B 141 -25.43 3.31 23.85
C HIS B 141 -26.76 3.78 24.47
N ASN B 142 -27.00 3.35 25.70
CA ASN B 142 -28.12 3.84 26.47
C ASN B 142 -27.80 5.23 27.02
N THR B 143 -26.51 5.52 27.16
CA THR B 143 -26.04 6.81 27.72
C THR B 143 -25.67 7.86 26.63
N ASN B 144 -25.82 9.15 26.98
CA ASN B 144 -25.23 10.24 26.22
C ASN B 144 -23.81 10.61 26.71
N LYS B 145 -23.26 9.79 27.61
CA LYS B 145 -21.92 9.97 28.10
C LYS B 145 -21.07 8.71 27.99
N ALA B 146 -20.99 8.16 26.77
CA ALA B 146 -20.19 6.99 26.52
C ALA B 146 -18.72 7.36 26.75
N SER B 147 -18.02 6.52 27.49
CA SER B 147 -16.62 6.72 27.88
C SER B 147 -15.71 5.68 27.22
N TRP B 148 -14.41 5.70 27.55
CA TRP B 148 -13.44 4.84 26.86
C TRP B 148 -13.71 3.36 27.04
N ASP B 149 -14.39 3.00 28.13
CA ASP B 149 -14.67 1.60 28.45
C ASP B 149 -16.17 1.29 28.45
N SER B 150 -16.95 2.14 27.80
CA SER B 150 -18.41 1.93 27.73
C SER B 150 -18.76 1.03 26.55
N ALA B 151 -19.04 -0.25 26.83
CA ALA B 151 -19.48 -1.15 25.77
C ALA B 151 -20.77 -0.64 25.14
N PRO B 152 -20.81 -0.60 23.81
CA PRO B 152 -22.07 -0.25 23.13
C PRO B 152 -23.16 -1.25 23.46
N THR B 153 -24.40 -0.79 23.33
CA THR B 153 -25.56 -1.69 23.39
C THR B 153 -25.84 -2.34 22.02
N ASP B 154 -25.56 -1.61 20.95
CA ASP B 154 -25.86 -2.06 19.60
C ASP B 154 -24.83 -1.54 18.64
N GLN B 155 -24.64 -2.33 17.60
CA GLN B 155 -23.80 -2.00 16.48
C GLN B 155 -24.65 -2.21 15.21
N ILE B 156 -24.62 -1.24 14.31
CA ILE B 156 -25.27 -1.37 13.00
C ILE B 156 -24.18 -1.27 11.95
N MET B 157 -24.16 -2.22 11.02
CA MET B 157 -23.21 -2.15 9.93
C MET B 157 -23.96 -1.98 8.63
N ILE B 158 -23.45 -1.13 7.76
CA ILE B 158 -24.06 -0.99 6.45
C ILE B 158 -22.95 -1.20 5.43
N TRP B 159 -22.99 -2.35 4.76
CA TRP B 159 -21.87 -2.73 3.88
C TRP B 159 -22.20 -2.32 2.45
N LEU B 160 -21.33 -1.48 1.90
CA LEU B 160 -21.39 -1.05 0.51
C LEU B 160 -20.56 -1.98 -0.40
N ASN B 161 -19.68 -2.75 0.21
CA ASN B 161 -18.88 -3.71 -0.52
C ASN B 161 -18.79 -4.98 0.31
N ASN B 162 -19.11 -6.12 -0.28
CA ASN B 162 -18.73 -7.38 0.31
C ASN B 162 -17.89 -8.18 -0.67
N THR B 163 -16.65 -8.46 -0.28
CA THR B 163 -15.75 -9.24 -1.10
C THR B 163 -15.37 -10.51 -0.32
N ASN B 164 -16.20 -11.55 -0.50
CA ASN B 164 -15.99 -12.89 0.05
C ASN B 164 -16.18 -13.07 1.54
N ALA B 165 -16.74 -12.04 2.19
CA ALA B 165 -16.87 -12.06 3.64
C ALA B 165 -18.33 -12.35 4.02
N GLY B 166 -18.56 -12.52 5.31
CA GLY B 166 -19.91 -12.68 5.82
C GLY B 166 -20.08 -11.98 7.16
N PRO B 167 -21.32 -11.59 7.49
CA PRO B 167 -21.58 -10.89 8.76
C PRO B 167 -21.71 -11.85 9.94
N ALA B 168 -21.77 -11.30 11.16
CA ALA B 168 -22.23 -12.10 12.29
C ALA B 168 -23.76 -12.17 12.28
N GLY B 169 -24.29 -13.26 12.81
CA GLY B 169 -25.72 -13.38 12.97
C GLY B 169 -26.38 -14.13 11.82
N SER B 170 -27.70 -14.02 11.77
CA SER B 170 -28.49 -14.80 10.85
C SER B 170 -29.20 -13.91 9.87
N TYR B 171 -29.32 -14.40 8.64
CA TYR B 171 -30.08 -13.71 7.62
C TYR B 171 -31.55 -13.61 8.05
N VAL B 172 -32.14 -12.43 7.88
CA VAL B 172 -33.54 -12.19 8.22
C VAL B 172 -34.41 -12.02 6.97
N GLU B 173 -34.10 -11.02 6.15
CA GLU B 173 -34.95 -10.66 5.02
C GLU B 173 -34.20 -9.69 4.14
N THR B 174 -34.77 -9.39 2.99
CA THR B 174 -34.21 -8.40 2.08
C THR B 174 -35.21 -7.27 2.04
N VAL B 175 -34.73 -6.06 2.28
CA VAL B 175 -35.60 -4.87 2.28
C VAL B 175 -35.00 -3.76 1.44
N SER B 176 -35.86 -2.81 1.05
CA SER B 176 -35.42 -1.60 0.38
C SER B 176 -35.38 -0.48 1.42
N ILE B 177 -34.21 0.14 1.59
CA ILE B 177 -34.08 1.31 2.47
C ILE B 177 -33.22 2.39 1.77
N GLY B 178 -33.68 3.64 1.82
CA GLY B 178 -32.96 4.73 1.16
C GLY B 178 -32.74 4.53 -0.33
N GLY B 179 -33.58 3.69 -0.97
CA GLY B 179 -33.45 3.46 -2.43
C GLY B 179 -32.38 2.43 -2.80
N HIS B 180 -31.97 1.64 -1.83
CA HIS B 180 -30.99 0.55 -2.04
C HIS B 180 -31.62 -0.73 -1.53
N SER B 181 -31.23 -1.86 -2.10
CA SER B 181 -31.67 -3.17 -1.60
C SER B 181 -30.58 -3.77 -0.68
N TRP B 182 -31.02 -4.24 0.49
CA TRP B 182 -30.11 -4.77 1.54
C TRP B 182 -30.60 -6.13 2.00
N LYS B 183 -29.68 -7.07 2.15
CA LYS B 183 -29.92 -8.25 2.98
C LYS B 183 -29.69 -7.83 4.43
N VAL B 184 -30.63 -8.21 5.29
CA VAL B 184 -30.62 -7.84 6.71
C VAL B 184 -30.22 -9.06 7.55
N TYR B 185 -29.25 -8.87 8.45
CA TYR B 185 -28.81 -9.92 9.38
C TYR B 185 -28.93 -9.41 10.82
N LYS B 186 -29.21 -10.34 11.73
CA LYS B 186 -29.28 -10.01 13.16
C LYS B 186 -28.44 -11.00 13.93
N GLY B 187 -27.53 -10.45 14.73
CA GLY B 187 -26.67 -11.28 15.56
C GLY B 187 -26.30 -10.61 16.87
N TYR B 188 -25.30 -11.18 17.52
CA TYR B 188 -24.81 -10.67 18.81
C TYR B 188 -23.31 -10.87 18.84
N ILE B 189 -22.60 -9.83 19.25
CA ILE B 189 -21.15 -9.87 19.40
C ILE B 189 -20.80 -9.95 20.88
N ASP B 190 -20.09 -11.00 21.26
CA ASP B 190 -19.61 -11.14 22.62
C ASP B 190 -18.24 -10.48 22.72
N ALA B 191 -18.13 -9.50 23.63
CA ALA B 191 -16.86 -8.81 23.85
C ALA B 191 -16.05 -9.49 24.95
N GLY B 192 -16.58 -10.58 25.51
CA GLY B 192 -15.92 -11.25 26.62
C GLY B 192 -16.22 -10.57 27.95
N GLY B 193 -15.96 -11.28 29.06
CA GLY B 193 -16.12 -10.69 30.39
C GLY B 193 -17.51 -10.17 30.74
N GLY B 194 -18.53 -10.70 30.06
CA GLY B 194 -19.93 -10.37 30.32
C GLY B 194 -20.39 -9.16 29.51
N LYS B 195 -19.55 -8.69 28.59
CA LYS B 195 -19.86 -7.52 27.74
C LYS B 195 -20.18 -7.97 26.30
N GLY B 196 -20.94 -7.15 25.60
CA GLY B 196 -21.28 -7.47 24.20
C GLY B 196 -22.41 -6.58 23.74
N TRP B 197 -22.87 -6.80 22.50
CA TRP B 197 -23.90 -5.96 21.91
C TRP B 197 -24.58 -6.68 20.77
N ASN B 198 -25.81 -6.27 20.48
CA ASN B 198 -26.53 -6.69 19.27
C ASN B 198 -25.78 -6.15 18.06
N VAL B 199 -25.77 -6.92 16.97
CA VAL B 199 -25.24 -6.41 15.71
C VAL B 199 -26.28 -6.63 14.62
N PHE B 200 -26.69 -5.53 13.99
CA PHE B 200 -27.64 -5.55 12.86
C PHE B 200 -26.85 -5.16 11.62
N SER B 201 -26.82 -6.03 10.60
CA SER B 201 -26.02 -5.77 9.40
C SER B 201 -26.92 -5.66 8.19
N PHE B 202 -26.67 -4.62 7.40
CA PHE B 202 -27.34 -4.39 6.13
C PHE B 202 -26.28 -4.54 5.06
N ILE B 203 -26.40 -5.58 4.25
CA ILE B 203 -25.39 -5.81 3.21
C ILE B 203 -26.01 -5.59 1.83
N ARG B 204 -25.52 -4.58 1.12
CA ARG B 204 -26.09 -4.20 -0.18
C ARG B 204 -26.12 -5.42 -1.11
N THR B 205 -27.21 -5.56 -1.85
CA THR B 205 -27.39 -6.71 -2.74
CA THR B 205 -27.37 -6.72 -2.74
C THR B 205 -26.28 -6.84 -3.81
N ALA B 206 -25.74 -5.69 -4.22
CA ALA B 206 -24.54 -5.64 -5.05
C ALA B 206 -23.69 -4.50 -4.51
N ASN B 207 -22.39 -4.58 -4.76
CA ASN B 207 -21.45 -3.56 -4.30
C ASN B 207 -21.69 -2.20 -4.97
N THR B 208 -21.40 -1.12 -4.26
CA THR B 208 -21.46 0.21 -4.88
C THR B 208 -20.30 1.01 -4.34
N GLN B 209 -19.78 1.90 -5.18
CA GLN B 209 -18.67 2.75 -4.80
C GLN B 209 -19.08 4.12 -4.24
N SER B 210 -20.38 4.38 -4.19
CA SER B 210 -20.89 5.67 -3.72
CA SER B 210 -20.89 5.66 -3.70
C SER B 210 -22.24 5.50 -3.06
N ALA B 211 -22.48 6.24 -1.98
CA ALA B 211 -23.82 6.24 -1.40
C ALA B 211 -24.11 7.51 -0.65
N ASN B 212 -25.39 7.85 -0.66
CA ASN B 212 -25.95 8.96 0.12
CA ASN B 212 -25.95 8.96 0.11
C ASN B 212 -27.05 8.35 0.95
N LEU B 213 -26.81 8.25 2.26
CA LEU B 213 -27.70 7.52 3.15
C LEU B 213 -28.08 8.38 4.34
N ASN B 214 -29.26 8.14 4.85
CA ASN B 214 -29.69 8.77 6.08
C ASN B 214 -29.79 7.64 7.11
N ILE B 215 -28.89 7.62 8.11
CA ILE B 215 -28.90 6.54 9.11
C ILE B 215 -30.26 6.38 9.81
N ARG B 216 -31.01 7.48 9.89
CA ARG B 216 -32.35 7.43 10.50
C ARG B 216 -33.33 6.49 9.76
N ASP B 217 -33.17 6.34 8.45
CA ASP B 217 -33.94 5.34 7.67
C ASP B 217 -33.71 3.94 8.22
N PHE B 218 -32.45 3.64 8.56
CA PHE B 218 -32.08 2.30 9.06
C PHE B 218 -32.50 2.08 10.50
N THR B 219 -32.26 3.07 11.36
CA THR B 219 -32.69 2.94 12.76
C THR B 219 -34.22 2.95 12.88
N ASN B 220 -34.88 3.67 11.99
CA ASN B 220 -36.35 3.62 11.95
C ASN B 220 -36.87 2.23 11.55
N TYR B 221 -36.25 1.62 10.55
CA TYR B 221 -36.54 0.23 10.23
C TYR B 221 -36.39 -0.70 11.44
N LEU B 222 -35.24 -0.63 12.09
CA LEU B 222 -35.00 -1.51 13.24
C LEU B 222 -35.97 -1.25 14.39
N ALA B 223 -36.27 0.01 14.66
CA ALA B 223 -37.16 0.36 15.76
C ALA B 223 -38.64 0.13 15.40
N ASP B 224 -39.08 0.73 14.29
CA ASP B 224 -40.51 0.76 13.93
C ASP B 224 -41.00 -0.50 13.23
N SER B 225 -40.22 -0.98 12.27
CA SER B 225 -40.62 -2.13 11.49
CA SER B 225 -40.61 -2.14 11.49
C SER B 225 -40.32 -3.45 12.21
N LYS B 226 -39.16 -3.52 12.87
CA LYS B 226 -38.77 -4.76 13.54
C LYS B 226 -38.94 -4.78 15.06
N GLN B 227 -39.07 -3.60 15.68
CA GLN B 227 -39.09 -3.50 17.14
C GLN B 227 -37.87 -4.16 17.79
N TRP B 228 -36.71 -3.96 17.17
CA TRP B 228 -35.45 -4.56 17.64
C TRP B 228 -34.57 -3.55 18.36
N LEU B 229 -35.02 -2.29 18.42
CA LEU B 229 -34.18 -1.21 18.93
C LEU B 229 -35.05 -0.16 19.59
N SER B 230 -34.74 0.18 20.85
CA SER B 230 -35.50 1.22 21.55
C SER B 230 -35.05 2.62 21.13
N LYS B 231 -35.99 3.53 20.90
CA LYS B 231 -35.61 4.91 20.53
C LYS B 231 -35.12 5.77 21.72
N THR B 232 -35.06 5.19 22.90
CA THR B 232 -34.39 5.85 24.03
C THR B 232 -32.89 5.89 23.84
N LYS B 233 -32.39 5.02 22.96
CA LYS B 233 -30.95 4.90 22.74
C LYS B 233 -30.35 6.08 21.97
N TYR B 234 -29.03 6.26 22.13
CA TYR B 234 -28.30 7.30 21.44
C TYR B 234 -27.44 6.71 20.34
N VAL B 235 -27.38 7.39 19.21
CA VAL B 235 -26.34 7.13 18.23
C VAL B 235 -25.07 7.85 18.72
N SER B 236 -24.03 7.05 18.95
CA SER B 236 -22.77 7.56 19.53
C SER B 236 -21.70 7.89 18.50
N SER B 237 -21.80 7.27 17.32
CA SER B 237 -20.72 7.25 16.34
C SER B 237 -21.25 6.79 15.01
N VAL B 238 -20.76 7.43 13.95
CA VAL B 238 -20.87 6.87 12.60
C VAL B 238 -19.46 6.82 12.03
N GLU B 239 -19.06 5.63 11.58
CA GLU B 239 -17.71 5.36 11.11
C GLU B 239 -17.85 4.69 9.76
N PHE B 240 -16.81 4.80 8.93
CA PHE B 240 -16.78 4.09 7.65
C PHE B 240 -15.39 3.53 7.45
N GLY B 241 -15.30 2.25 7.14
CA GLY B 241 -14.00 1.67 6.84
C GLY B 241 -14.07 0.32 6.16
N THR B 242 -12.93 -0.36 6.18
CA THR B 242 -12.84 -1.67 5.56
C THR B 242 -12.42 -2.69 6.62
N GLU B 243 -13.29 -3.66 6.91
CA GLU B 243 -12.86 -4.85 7.65
C GLU B 243 -12.03 -5.69 6.69
N VAL B 244 -10.82 -6.01 7.13
CA VAL B 244 -9.91 -6.87 6.37
C VAL B 244 -9.74 -8.17 7.11
N PHE B 245 -10.06 -9.25 6.41
CA PHE B 245 -9.94 -10.59 6.94
C PHE B 245 -8.66 -11.21 6.42
N GLY B 246 -8.34 -10.93 5.15
CA GLY B 246 -7.07 -11.39 4.59
C GLY B 246 -6.86 -10.71 3.27
N GLY B 247 -5.60 -10.59 2.90
CA GLY B 247 -5.25 -10.01 1.61
C GLY B 247 -4.51 -8.69 1.70
N THR B 248 -4.32 -8.10 0.54
CA THR B 248 -3.40 -6.98 0.37
C THR B 248 -4.09 -5.97 -0.53
N GLY B 249 -4.05 -4.69 -0.17
CA GLY B 249 -4.62 -3.70 -1.07
C GLY B 249 -4.69 -2.31 -0.46
N GLN B 250 -5.65 -1.54 -0.94
CA GLN B 250 -5.79 -0.14 -0.53
C GLN B 250 -7.18 0.36 -0.84
N ILE B 251 -7.55 1.45 -0.18
CA ILE B 251 -8.77 2.18 -0.48
C ILE B 251 -8.39 3.64 -0.71
N ASN B 252 -9.10 4.26 -1.66
CA ASN B 252 -9.08 5.72 -1.79
CA ASN B 252 -9.10 5.71 -1.91
C ASN B 252 -10.48 6.25 -1.62
N ILE B 253 -10.58 7.27 -0.77
CA ILE B 253 -11.86 7.90 -0.48
C ILE B 253 -11.79 9.31 -1.03
N SER B 254 -12.72 9.67 -1.90
CA SER B 254 -12.71 10.97 -2.59
C SER B 254 -13.76 11.93 -2.03
N ASN B 255 -14.68 11.40 -1.24
CA ASN B 255 -15.66 12.26 -0.58
C ASN B 255 -16.13 11.59 0.69
N TRP B 256 -16.29 12.41 1.73
CA TRP B 256 -16.76 11.95 3.03
C TRP B 256 -17.50 13.06 3.77
N ASP B 257 -18.69 12.72 4.26
CA ASP B 257 -19.40 13.62 5.17
C ASP B 257 -20.40 12.85 6.04
N VAL B 258 -20.51 13.24 7.30
CA VAL B 258 -21.65 12.84 8.16
C VAL B 258 -22.22 14.09 8.81
N THR B 259 -23.48 14.41 8.51
CA THR B 259 -24.15 15.61 9.06
C THR B 259 -25.38 15.28 9.87
N VAL B 260 -25.35 15.65 11.15
CA VAL B 260 -26.48 15.43 12.05
C VAL B 260 -27.32 16.70 11.98
N ARG B 261 -28.55 16.57 11.51
CA ARG B 261 -29.40 17.76 11.42
C ARG B 261 -30.87 17.49 11.62
#